data_6POH
#
_entry.id   6POH
#
_cell.length_a   118.050
_cell.length_b   63.740
_cell.length_c   74.540
_cell.angle_alpha   90.000
_cell.angle_beta   124.950
_cell.angle_gamma   90.000
#
_symmetry.space_group_name_H-M   'C 1 2 1'
#
loop_
_entity.id
_entity.type
_entity.pdbx_description
1 polymer 'Thiol:disulfide interchange protein DsbA'
2 non-polymer '(6-butoxy-1-benzofuran-3-yl)acetic acid'
3 non-polymer 'COPPER (II) ION'
4 water water
#
_entity_poly.entity_id   1
_entity_poly.type   'polypeptide(L)'
_entity_poly.pdbx_seq_one_letter_code
;AQYEDGKQYTTLEKPVAGAPQVLEFFSFFCPHCYQFEEVLHISDNVKKKLPEGVKMTKYHVNFMGGDLGKDLTQAWAVAM
ALGVEDKVTVPLFEGVQKTQTIRSASDIRDVFINAGIKGEEYDAAWNSFVVKSLVAQQEKAAADVQLRGVPAMFVNGKYQ
LNPQGMDTSNMDVFVQQYADTVKYLSEKK
;
_entity_poly.pdbx_strand_id   A,B
#
# COMPACT_ATOMS: atom_id res chain seq x y z
N ALA A 1 -30.71 -11.98 7.14
CA ALA A 1 -30.78 -10.52 7.23
C ALA A 1 -29.84 -9.87 6.22
N GLN A 2 -30.12 -8.60 5.88
CA GLN A 2 -29.25 -7.86 4.97
C GLN A 2 -27.85 -7.69 5.56
N TYR A 3 -27.76 -7.34 6.84
CA TYR A 3 -26.50 -7.33 7.57
C TYR A 3 -26.41 -8.61 8.39
N GLU A 4 -25.33 -9.37 8.20
N GLU A 4 -25.31 -9.35 8.24
CA GLU A 4 -25.13 -10.65 8.86
CA GLU A 4 -25.19 -10.64 8.91
C GLU A 4 -23.81 -10.64 9.62
C GLU A 4 -23.82 -10.75 9.56
N ASP A 5 -23.81 -11.29 10.77
CA ASP A 5 -22.57 -11.59 11.45
C ASP A 5 -21.76 -12.55 10.61
N GLY A 6 -20.49 -12.22 10.36
CA GLY A 6 -19.63 -12.99 9.49
C GLY A 6 -19.53 -12.44 8.08
N LYS A 7 -20.41 -11.52 7.69
CA LYS A 7 -20.40 -10.92 6.37
C LYS A 7 -19.79 -9.52 6.43
N GLN A 8 -20.57 -8.52 6.82
CA GLN A 8 -20.05 -7.16 6.90
C GLN A 8 -19.37 -6.88 8.24
N TYR A 9 -19.60 -7.72 9.25
CA TYR A 9 -19.03 -7.50 10.57
C TYR A 9 -18.98 -8.83 11.30
N THR A 10 -18.17 -8.85 12.35
CA THR A 10 -18.13 -9.96 13.28
C THR A 10 -18.39 -9.42 14.68
N THR A 11 -18.71 -10.31 15.61
CA THR A 11 -19.07 -9.92 16.98
C THR A 11 -18.03 -10.47 17.93
N LEU A 12 -17.53 -9.60 18.82
CA LEU A 12 -16.49 -10.01 19.74
C LEU A 12 -17.05 -11.00 20.75
N GLU A 13 -16.28 -12.07 21.01
CA GLU A 13 -16.67 -13.02 22.05
C GLU A 13 -16.75 -12.36 23.41
N LYS A 14 -15.80 -11.48 23.72
CA LYS A 14 -15.80 -10.74 24.97
C LYS A 14 -15.90 -9.26 24.66
N PRO A 15 -17.08 -8.66 24.76
CA PRO A 15 -17.20 -7.23 24.51
C PRO A 15 -16.45 -6.41 25.53
N VAL A 16 -16.04 -5.22 25.10
CA VAL A 16 -15.19 -4.33 25.89
C VAL A 16 -16.05 -3.19 26.41
N ALA A 17 -16.23 -3.15 27.73
CA ALA A 17 -17.01 -2.09 28.35
C ALA A 17 -16.22 -0.78 28.37
N GLY A 18 -16.93 0.33 28.20
CA GLY A 18 -16.29 1.63 28.25
C GLY A 18 -15.38 1.92 27.08
N ALA A 19 -15.50 1.18 26.00
CA ALA A 19 -14.69 1.40 24.83
C ALA A 19 -15.17 2.63 24.06
N PRO A 20 -14.31 3.22 23.24
CA PRO A 20 -14.76 4.30 22.35
C PRO A 20 -15.86 3.80 21.43
N GLN A 21 -16.77 4.71 21.07
CA GLN A 21 -17.91 4.35 20.23
C GLN A 21 -17.45 3.89 18.85
N VAL A 22 -16.54 4.64 18.23
CA VAL A 22 -15.90 4.21 16.99
C VAL A 22 -14.41 4.24 17.21
N LEU A 23 -13.76 3.08 17.10
CA LEU A 23 -12.35 2.93 17.42
C LEU A 23 -11.64 2.28 16.25
N GLU A 24 -10.69 3.01 15.67
CA GLU A 24 -9.92 2.53 14.53
C GLU A 24 -8.49 2.27 14.98
N PHE A 25 -7.90 1.20 14.44
CA PHE A 25 -6.50 0.88 14.66
C PHE A 25 -5.80 0.83 13.30
N PHE A 26 -4.57 1.33 13.27
CA PHE A 26 -3.81 1.36 12.02
C PHE A 26 -2.33 1.27 12.33
N SER A 27 -1.54 1.03 11.28
CA SER A 27 -0.08 1.15 11.35
C SER A 27 0.38 1.94 10.14
N PHE A 28 1.39 2.79 10.34
CA PHE A 28 1.97 3.46 9.17
C PHE A 28 2.71 2.50 8.26
N PHE A 29 2.96 1.24 8.69
CA PHE A 29 3.51 0.20 7.83
C PHE A 29 2.47 -0.58 7.04
N CYS A 30 1.19 -0.34 7.31
CA CYS A 30 0.10 -1.18 6.83
C CYS A 30 -0.39 -0.70 5.47
N PRO A 31 -0.27 -1.52 4.41
CA PRO A 31 -0.64 -1.03 3.07
C PRO A 31 -2.11 -0.68 2.92
N HIS A 32 -3.03 -1.49 3.45
CA HIS A 32 -4.44 -1.10 3.36
C HIS A 32 -4.71 0.17 4.17
N CYS A 33 -3.94 0.40 5.24
CA CYS A 33 -4.12 1.62 6.02
C CYS A 33 -3.75 2.83 5.18
N TYR A 34 -2.67 2.72 4.40
CA TYR A 34 -2.30 3.79 3.48
C TYR A 34 -3.46 4.11 2.54
N GLN A 35 -4.07 3.06 1.95
N GLN A 35 -4.08 3.07 1.97
CA GLN A 35 -5.24 3.28 1.09
CA GLN A 35 -5.22 3.28 1.09
C GLN A 35 -6.40 3.88 1.87
C GLN A 35 -6.42 3.85 1.86
N PHE A 36 -6.65 3.37 3.09
CA PHE A 36 -7.78 3.90 3.89
C PHE A 36 -7.60 5.39 4.14
N GLU A 37 -6.35 5.86 4.19
CA GLU A 37 -6.08 7.28 4.34
C GLU A 37 -6.18 8.03 2.99
N GLU A 38 -5.29 7.70 2.04
CA GLU A 38 -5.11 8.58 0.87
C GLU A 38 -6.10 8.33 -0.26
N VAL A 39 -6.55 7.09 -0.44
CA VAL A 39 -7.35 6.70 -1.58
C VAL A 39 -8.84 6.66 -1.24
N LEU A 40 -9.17 6.20 -0.03
CA LEU A 40 -10.56 5.98 0.36
C LEU A 40 -11.08 6.96 1.40
N HIS A 41 -10.21 7.57 2.18
CA HIS A 41 -10.61 8.48 3.25
C HIS A 41 -11.72 7.87 4.10
N ILE A 42 -11.45 6.66 4.61
CA ILE A 42 -12.47 5.90 5.34
C ILE A 42 -12.96 6.67 6.58
N SER A 43 -12.04 7.25 7.35
CA SER A 43 -12.44 7.93 8.58
C SER A 43 -13.37 9.09 8.29
N ASP A 44 -13.05 9.90 7.27
N ASP A 44 -13.01 9.92 7.29
CA ASP A 44 -13.91 11.04 6.95
CA ASP A 44 -13.87 11.04 6.90
C ASP A 44 -15.25 10.58 6.42
C ASP A 44 -15.24 10.55 6.46
N ASN A 45 -15.29 9.50 5.64
CA ASN A 45 -16.56 9.06 5.09
C ASN A 45 -17.43 8.40 6.14
N VAL A 46 -16.83 7.73 7.12
CA VAL A 46 -17.60 7.22 8.24
C VAL A 46 -18.15 8.36 9.07
N LYS A 47 -17.32 9.36 9.37
CA LYS A 47 -17.75 10.51 10.14
C LYS A 47 -18.99 11.17 9.53
N LYS A 48 -19.02 11.28 8.21
CA LYS A 48 -20.14 11.95 7.54
C LYS A 48 -21.43 11.17 7.64
N LYS A 49 -21.36 9.85 7.83
CA LYS A 49 -22.56 9.02 7.95
C LYS A 49 -23.04 8.86 9.39
N LEU A 50 -22.29 9.34 10.36
CA LEU A 50 -22.66 9.28 11.77
C LEU A 50 -23.20 10.63 12.26
N PRO A 51 -23.99 10.64 13.34
CA PRO A 51 -24.49 11.91 13.87
C PRO A 51 -23.35 12.85 14.28
N GLU A 52 -23.63 14.15 14.21
CA GLU A 52 -22.63 15.14 14.59
C GLU A 52 -22.26 14.96 16.06
N GLY A 53 -20.96 15.08 16.36
CA GLY A 53 -20.47 14.99 17.71
C GLY A 53 -20.08 13.61 18.18
N VAL A 54 -20.31 12.57 17.37
CA VAL A 54 -19.91 11.21 17.77
C VAL A 54 -18.39 11.18 17.94
N LYS A 55 -17.95 10.52 19.00
CA LYS A 55 -16.52 10.38 19.28
C LYS A 55 -15.92 9.32 18.37
N MET A 56 -14.94 9.70 17.56
CA MET A 56 -14.15 8.75 16.78
C MET A 56 -12.71 8.80 17.28
N THR A 57 -12.12 7.63 17.49
CA THR A 57 -10.79 7.51 18.06
C THR A 57 -9.95 6.68 17.10
N LYS A 58 -8.68 7.06 16.92
CA LYS A 58 -7.79 6.33 16.03
C LYS A 58 -6.44 6.14 16.71
N TYR A 59 -6.03 4.88 16.84
CA TYR A 59 -4.79 4.54 17.53
C TYR A 59 -3.84 3.78 16.62
N HIS A 60 -2.55 3.96 16.86
CA HIS A 60 -1.49 3.22 16.18
C HIS A 60 -1.17 1.92 16.93
N VAL A 61 -0.59 0.95 16.22
CA VAL A 61 -0.26 -0.35 16.79
C VAL A 61 1.23 -0.64 16.67
N ASN A 62 1.71 -1.51 17.57
CA ASN A 62 3.12 -1.87 17.61
C ASN A 62 3.50 -3.01 16.68
N PHE A 63 2.56 -3.88 16.29
CA PHE A 63 3.01 -5.20 15.87
C PHE A 63 3.58 -5.25 14.45
N MET A 64 3.59 -4.16 13.70
CA MET A 64 4.28 -4.12 12.42
C MET A 64 5.52 -3.24 12.54
N GLY A 65 6.66 -3.71 12.03
CA GLY A 65 7.81 -2.84 11.93
C GLY A 65 8.76 -2.81 13.09
N GLY A 66 8.65 -3.71 14.07
CA GLY A 66 9.69 -3.82 15.09
C GLY A 66 9.91 -2.55 15.89
N ASP A 67 11.19 -2.16 16.03
CA ASP A 67 11.56 -0.95 16.76
C ASP A 67 10.80 0.26 16.23
N LEU A 68 10.85 0.46 14.92
CA LEU A 68 10.24 1.65 14.33
C LEU A 68 8.72 1.63 14.51
N GLY A 69 8.12 0.44 14.52
CA GLY A 69 6.71 0.34 14.83
C GLY A 69 6.36 0.95 16.17
N LYS A 70 7.16 0.65 17.20
CA LYS A 70 6.94 1.25 18.52
C LYS A 70 7.26 2.73 18.54
N ASP A 71 8.32 3.14 17.83
CA ASP A 71 8.60 4.57 17.69
C ASP A 71 7.43 5.30 17.07
N LEU A 72 6.77 4.67 16.09
CA LEU A 72 5.63 5.32 15.45
C LEU A 72 4.41 5.37 16.35
N THR A 73 4.21 4.37 17.22
CA THR A 73 3.14 4.47 18.20
C THR A 73 3.40 5.65 19.16
N GLN A 74 4.67 5.84 19.54
CA GLN A 74 5.00 6.96 20.41
C GLN A 74 4.84 8.29 19.67
N ALA A 75 5.21 8.32 18.39
CA ALA A 75 5.03 9.54 17.62
C ALA A 75 3.55 9.86 17.42
N TRP A 76 2.73 8.82 17.26
CA TRP A 76 1.28 9.06 17.15
C TRP A 76 0.73 9.58 18.45
N ALA A 77 1.26 9.12 19.59
CA ALA A 77 0.89 9.72 20.87
C ALA A 77 1.28 11.19 20.92
N VAL A 78 2.46 11.54 20.40
CA VAL A 78 2.84 12.96 20.34
C VAL A 78 1.86 13.73 19.47
N ALA A 79 1.52 13.17 18.30
CA ALA A 79 0.58 13.84 17.40
C ALA A 79 -0.75 14.07 18.08
N MET A 80 -1.24 13.08 18.83
CA MET A 80 -2.52 13.25 19.53
C MET A 80 -2.40 14.29 20.65
N ALA A 81 -1.29 14.27 21.39
CA ALA A 81 -1.13 15.22 22.49
C ALA A 81 -1.07 16.66 21.98
N LEU A 82 -0.41 16.87 20.85
CA LEU A 82 -0.26 18.20 20.26
C LEU A 82 -1.43 18.57 19.35
N GLY A 83 -2.29 17.62 19.02
CA GLY A 83 -3.39 17.87 18.10
C GLY A 83 -2.97 18.11 16.67
N VAL A 84 -1.91 17.45 16.21
CA VAL A 84 -1.37 17.69 14.87
C VAL A 84 -1.51 16.47 13.96
N GLU A 85 -2.45 15.56 14.27
CA GLU A 85 -2.65 14.36 13.44
C GLU A 85 -2.82 14.71 11.97
N ASP A 86 -3.64 15.72 11.68
CA ASP A 86 -3.92 16.02 10.28
C ASP A 86 -2.71 16.56 9.55
N LYS A 87 -1.73 17.12 10.27
CA LYS A 87 -0.53 17.65 9.66
C LYS A 87 0.52 16.58 9.38
N VAL A 88 0.51 15.46 10.10
CA VAL A 88 1.59 14.48 9.99
C VAL A 88 1.16 13.15 9.41
N THR A 89 -0.15 12.87 9.28
CA THR A 89 -0.56 11.54 8.87
C THR A 89 -0.05 11.20 7.48
N VAL A 90 -0.30 12.07 6.52
CA VAL A 90 0.10 11.79 5.13
C VAL A 90 1.62 11.76 5.02
N PRO A 91 2.38 12.72 5.56
CA PRO A 91 3.85 12.61 5.43
C PRO A 91 4.43 11.39 6.14
N LEU A 92 3.82 10.94 7.25
CA LEU A 92 4.32 9.71 7.87
C LEU A 92 4.03 8.50 7.00
N PHE A 93 2.80 8.37 6.48
CA PHE A 93 2.48 7.28 5.55
C PHE A 93 3.43 7.29 4.35
N GLU A 94 3.66 8.46 3.77
CA GLU A 94 4.52 8.52 2.58
C GLU A 94 5.97 8.26 2.93
N GLY A 95 6.43 8.78 4.07
CA GLY A 95 7.80 8.53 4.50
C GLY A 95 8.08 7.05 4.73
N VAL A 96 7.11 6.33 5.28
CA VAL A 96 7.32 4.90 5.54
C VAL A 96 7.14 4.08 4.26
N GLN A 97 6.07 4.33 3.50
CA GLN A 97 5.71 3.39 2.44
C GLN A 97 6.05 3.87 1.04
N LYS A 98 6.07 5.18 0.79
CA LYS A 98 6.28 5.65 -0.57
C LYS A 98 7.75 6.00 -0.83
N THR A 99 8.30 6.95 -0.08
CA THR A 99 9.70 7.33 -0.27
C THR A 99 10.65 6.48 0.56
N GLN A 100 10.14 5.83 1.61
CA GLN A 100 10.98 5.00 2.49
C GLN A 100 12.17 5.81 3.01
N THR A 101 11.88 7.04 3.41
CA THR A 101 12.85 7.93 4.00
C THR A 101 12.79 7.93 5.52
N ILE A 102 11.85 7.18 6.10
CA ILE A 102 11.71 7.07 7.55
C ILE A 102 12.36 5.77 7.99
N ARG A 103 13.54 5.86 8.59
CA ARG A 103 14.28 4.69 9.02
C ARG A 103 14.67 4.75 10.49
N SER A 104 14.37 5.83 11.19
CA SER A 104 14.83 6.00 12.56
C SER A 104 13.88 6.96 13.25
N ALA A 105 13.98 7.01 14.57
CA ALA A 105 13.18 7.98 15.32
C ALA A 105 13.53 9.41 14.91
N SER A 106 14.79 9.66 14.57
CA SER A 106 15.16 11.00 14.10
C SER A 106 14.43 11.37 12.81
N ASP A 107 14.26 10.41 11.89
CA ASP A 107 13.54 10.68 10.65
C ASP A 107 12.07 11.00 10.92
N ILE A 108 11.48 10.34 11.93
CA ILE A 108 10.12 10.65 12.30
C ILE A 108 10.04 12.09 12.80
N ARG A 109 10.96 12.47 13.68
CA ARG A 109 11.02 13.84 14.17
C ARG A 109 11.12 14.84 13.02
N ASP A 110 11.92 14.51 12.00
CA ASP A 110 12.05 15.39 10.84
C ASP A 110 10.69 15.68 10.21
N VAL A 111 9.80 14.68 10.14
CA VAL A 111 8.48 14.88 9.55
C VAL A 111 7.72 15.94 10.33
N PHE A 112 7.79 15.89 11.66
CA PHE A 112 7.09 16.87 12.48
C PHE A 112 7.70 18.26 12.32
N ILE A 113 9.04 18.34 12.28
CA ILE A 113 9.72 19.63 12.07
C ILE A 113 9.29 20.25 10.75
N ASN A 114 9.31 19.45 9.67
CA ASN A 114 8.89 19.94 8.36
C ASN A 114 7.44 20.39 8.35
N ALA A 115 6.59 19.75 9.16
CA ALA A 115 5.19 20.12 9.25
C ALA A 115 4.95 21.32 10.15
N GLY A 116 6.00 21.92 10.70
CA GLY A 116 5.86 23.12 11.49
C GLY A 116 5.77 22.96 13.00
N ILE A 117 5.96 21.76 13.53
CA ILE A 117 6.05 21.59 14.97
C ILE A 117 7.46 21.95 15.42
N LYS A 118 7.57 22.81 16.42
CA LYS A 118 8.88 23.24 16.89
C LYS A 118 9.63 22.07 17.53
N GLY A 119 10.95 22.06 17.33
CA GLY A 119 11.77 20.98 17.87
C GLY A 119 11.61 20.82 19.38
N GLU A 120 11.65 21.94 20.11
CA GLU A 120 11.52 21.89 21.56
C GLU A 120 10.17 21.31 21.97
N GLU A 121 9.09 21.71 21.27
CA GLU A 121 7.77 21.20 21.56
C GLU A 121 7.67 19.71 21.28
N TYR A 122 8.21 19.26 20.15
CA TYR A 122 8.21 17.82 19.85
C TYR A 122 8.96 17.04 20.92
N ASP A 123 10.19 17.47 21.22
CA ASP A 123 11.01 16.73 22.16
C ASP A 123 10.39 16.69 23.54
N ALA A 124 9.80 17.81 23.99
CA ALA A 124 9.17 17.84 25.30
C ALA A 124 7.98 16.87 25.36
N ALA A 125 7.17 16.85 24.29
CA ALA A 125 6.08 15.88 24.24
C ALA A 125 6.61 14.45 24.20
N TRP A 126 7.62 14.20 23.36
CA TRP A 126 8.14 12.85 23.19
C TRP A 126 8.56 12.23 24.53
N ASN A 127 9.13 13.05 25.41
CA ASN A 127 9.65 12.58 26.68
C ASN A 127 8.68 12.77 27.85
N SER A 128 7.44 13.18 27.57
CA SER A 128 6.51 13.51 28.64
C SER A 128 5.79 12.26 29.14
N PHE A 129 5.40 12.32 30.42
CA PHE A 129 4.59 11.24 30.98
C PHE A 129 3.18 11.24 30.41
N VAL A 130 2.67 12.41 29.99
CA VAL A 130 1.39 12.45 29.28
C VAL A 130 1.45 11.56 28.04
N VAL A 131 2.54 11.65 27.27
CA VAL A 131 2.69 10.81 26.08
C VAL A 131 2.91 9.34 26.48
N LYS A 132 3.69 9.09 27.54
CA LYS A 132 3.81 7.72 28.04
C LYS A 132 2.45 7.09 28.32
N SER A 133 1.54 7.86 28.92
N SER A 133 1.55 7.86 28.93
CA SER A 133 0.22 7.34 29.22
CA SER A 133 0.21 7.34 29.21
C SER A 133 -0.60 7.14 27.95
C SER A 133 -0.59 7.12 27.93
N LEU A 134 -0.42 8.02 26.96
CA LEU A 134 -1.11 7.84 25.69
C LEU A 134 -0.59 6.60 24.95
N VAL A 135 0.70 6.30 25.05
CA VAL A 135 1.21 5.05 24.49
C VAL A 135 0.55 3.86 25.17
N ALA A 136 0.48 3.89 26.50
CA ALA A 136 -0.16 2.81 27.24
C ALA A 136 -1.62 2.68 26.86
N GLN A 137 -2.29 3.82 26.61
CA GLN A 137 -3.70 3.78 26.27
C GLN A 137 -3.91 3.10 24.92
N GLN A 138 -3.03 3.38 23.95
CA GLN A 138 -3.12 2.74 22.65
C GLN A 138 -2.88 1.25 22.75
N GLU A 139 -1.86 0.85 23.51
CA GLU A 139 -1.57 -0.57 23.70
C GLU A 139 -2.73 -1.27 24.38
N LYS A 140 -3.29 -0.68 25.43
CA LYS A 140 -4.37 -1.33 26.15
C LYS A 140 -5.59 -1.55 25.26
N ALA A 141 -5.94 -0.54 24.47
CA ALA A 141 -7.12 -0.68 23.62
C ALA A 141 -6.94 -1.82 22.63
N ALA A 142 -5.74 -1.96 22.05
CA ALA A 142 -5.48 -3.07 21.13
C ALA A 142 -5.47 -4.39 21.86
N ALA A 143 -4.88 -4.42 23.06
CA ALA A 143 -4.80 -5.67 23.81
C ALA A 143 -6.18 -6.17 24.21
N ASP A 144 -7.09 -5.25 24.53
CA ASP A 144 -8.44 -5.64 24.90
C ASP A 144 -9.08 -6.57 23.88
N VAL A 145 -8.60 -6.59 22.63
CA VAL A 145 -9.17 -7.47 21.61
C VAL A 145 -8.11 -8.28 20.86
N GLN A 146 -6.97 -8.53 21.48
CA GLN A 146 -5.90 -9.36 20.90
C GLN A 146 -5.71 -9.07 19.40
N LEU A 147 -5.62 -7.78 19.08
CA LEU A 147 -5.57 -7.34 17.70
C LEU A 147 -4.34 -7.89 17.00
N ARG A 148 -4.53 -8.57 15.87
N ARG A 148 -4.55 -8.56 15.86
CA ARG A 148 -3.41 -9.05 15.07
CA ARG A 148 -3.47 -9.11 15.05
C ARG A 148 -3.47 -8.56 13.63
C ARG A 148 -3.51 -8.59 13.62
N GLY A 149 -4.41 -7.67 13.31
CA GLY A 149 -4.55 -7.16 11.96
C GLY A 149 -5.10 -5.75 11.93
N VAL A 150 -4.55 -4.96 11.02
CA VAL A 150 -5.03 -3.60 10.72
C VAL A 150 -5.22 -3.50 9.22
N PRO A 151 -6.04 -2.55 8.74
CA PRO A 151 -6.85 -1.59 9.49
C PRO A 151 -8.02 -2.31 10.17
N ALA A 152 -8.36 -1.91 11.38
CA ALA A 152 -9.45 -2.53 12.12
C ALA A 152 -10.33 -1.41 12.66
N MET A 153 -11.64 -1.63 12.65
CA MET A 153 -12.56 -0.71 13.30
C MET A 153 -13.52 -1.47 14.18
N PHE A 154 -13.72 -0.97 15.39
CA PHE A 154 -14.62 -1.56 16.36
C PHE A 154 -15.68 -0.53 16.71
N VAL A 155 -16.91 -1.01 16.88
CA VAL A 155 -18.04 -0.14 17.18
C VAL A 155 -18.59 -0.55 18.54
N ASN A 156 -18.61 0.40 19.47
CA ASN A 156 -19.15 0.23 20.81
C ASN A 156 -18.53 -0.97 21.55
N GLY A 157 -17.25 -1.23 21.28
CA GLY A 157 -16.58 -2.34 21.93
C GLY A 157 -17.18 -3.70 21.67
N LYS A 158 -18.02 -3.83 20.66
CA LYS A 158 -18.80 -5.06 20.50
C LYS A 158 -18.69 -5.68 19.12
N TYR A 159 -18.56 -4.87 18.07
CA TYR A 159 -18.59 -5.34 16.70
C TYR A 159 -17.33 -4.92 15.96
N GLN A 160 -16.83 -5.78 15.10
CA GLN A 160 -15.65 -5.51 14.31
C GLN A 160 -16.03 -5.49 12.83
N LEU A 161 -15.70 -4.40 12.16
CA LEU A 161 -15.91 -4.31 10.73
C LEU A 161 -15.20 -5.45 10.03
N ASN A 162 -15.81 -5.99 8.97
CA ASN A 162 -15.23 -7.08 8.17
C ASN A 162 -15.12 -6.64 6.71
N PRO A 163 -14.11 -5.85 6.36
CA PRO A 163 -13.99 -5.38 4.97
C PRO A 163 -13.77 -6.48 3.95
N GLN A 164 -13.23 -7.64 4.36
CA GLN A 164 -13.05 -8.73 3.40
C GLN A 164 -14.38 -9.24 2.86
N GLY A 165 -15.49 -8.91 3.52
CA GLY A 165 -16.80 -9.29 3.01
C GLY A 165 -17.47 -8.21 2.17
N MET A 166 -16.76 -7.17 1.78
CA MET A 166 -17.35 -6.05 1.06
C MET A 166 -16.85 -6.00 -0.38
N ASP A 167 -17.64 -5.38 -1.24
N ASP A 167 -17.64 -5.35 -1.24
CA ASP A 167 -17.32 -5.37 -2.67
CA ASP A 167 -17.31 -5.27 -2.66
C ASP A 167 -16.15 -4.43 -2.96
C ASP A 167 -16.06 -4.44 -2.86
N THR A 168 -15.12 -4.95 -3.64
CA THR A 168 -13.91 -4.16 -3.94
C THR A 168 -13.70 -3.93 -5.43
N SER A 169 -14.70 -4.19 -6.26
CA SER A 169 -14.58 -3.83 -7.67
C SER A 169 -14.71 -2.33 -7.87
N ASN A 170 -15.31 -1.62 -6.92
CA ASN A 170 -15.52 -0.18 -7.04
C ASN A 170 -15.14 0.46 -5.71
N MET A 171 -14.14 1.34 -5.72
N MET A 171 -14.18 1.39 -5.73
CA MET A 171 -13.66 1.96 -4.50
CA MET A 171 -13.66 1.96 -4.49
C MET A 171 -14.79 2.66 -3.77
C MET A 171 -14.71 2.78 -3.75
N ASP A 172 -15.58 3.47 -4.49
CA ASP A 172 -16.60 4.28 -3.85
C ASP A 172 -17.70 3.42 -3.26
N VAL A 173 -18.05 2.32 -3.93
CA VAL A 173 -19.04 1.40 -3.38
C VAL A 173 -18.50 0.76 -2.11
N PHE A 174 -17.22 0.39 -2.09
CA PHE A 174 -16.61 -0.18 -0.88
C PHE A 174 -16.71 0.80 0.29
N VAL A 175 -16.35 2.07 0.07
CA VAL A 175 -16.41 3.07 1.12
C VAL A 175 -17.82 3.21 1.63
N GLN A 176 -18.80 3.23 0.72
CA GLN A 176 -20.19 3.39 1.12
C GLN A 176 -20.68 2.19 1.93
N GLN A 177 -20.36 0.97 1.49
N GLN A 177 -20.35 0.97 1.49
CA GLN A 177 -20.75 -0.21 2.26
CA GLN A 177 -20.75 -0.21 2.26
C GLN A 177 -20.10 -0.19 3.64
C GLN A 177 -20.09 -0.23 3.63
N TYR A 178 -18.83 0.19 3.71
CA TYR A 178 -18.13 0.26 5.00
C TYR A 178 -18.81 1.28 5.92
N ALA A 179 -19.02 2.48 5.42
CA ALA A 179 -19.61 3.53 6.26
C ALA A 179 -21.05 3.20 6.64
N ASP A 180 -21.82 2.63 5.73
CA ASP A 180 -23.20 2.27 6.06
C ASP A 180 -23.23 1.13 7.08
N THR A 181 -22.23 0.25 7.04
CA THR A 181 -22.15 -0.80 8.06
C THR A 181 -21.86 -0.20 9.43
N VAL A 182 -20.92 0.75 9.49
CA VAL A 182 -20.65 1.41 10.77
C VAL A 182 -21.92 2.06 11.30
N LYS A 183 -22.66 2.75 10.44
CA LYS A 183 -23.90 3.40 10.87
C LYS A 183 -24.89 2.38 11.41
N TYR A 184 -25.06 1.26 10.70
CA TYR A 184 -25.93 0.18 11.16
C TYR A 184 -25.50 -0.33 12.53
N LEU A 185 -24.20 -0.60 12.69
CA LEU A 185 -23.72 -1.13 13.95
C LEU A 185 -23.89 -0.12 15.08
N SER A 186 -23.69 1.16 14.78
CA SER A 186 -23.81 2.17 15.82
C SER A 186 -25.24 2.31 16.32
N GLU A 187 -26.22 1.95 15.49
CA GLU A 187 -27.62 2.04 15.84
C GLU A 187 -28.17 0.77 16.49
N LYS A 188 -27.34 -0.26 16.65
CA LYS A 188 -27.75 -1.46 17.39
C LYS A 188 -27.77 -1.19 18.88
N ALA B 1 34.17 -9.45 -1.54
CA ALA B 1 33.58 -9.25 -2.87
C ALA B 1 32.54 -8.16 -2.85
N GLN B 2 32.40 -7.44 -3.96
CA GLN B 2 31.45 -6.33 -4.00
C GLN B 2 30.01 -6.84 -3.89
N TYR B 3 29.63 -7.76 -4.76
CA TYR B 3 28.28 -8.31 -4.74
C TYR B 3 28.26 -9.53 -3.84
N GLU B 4 27.41 -9.49 -2.82
CA GLU B 4 27.34 -10.56 -1.83
C GLU B 4 25.89 -11.01 -1.70
N ASP B 5 25.68 -12.32 -1.79
CA ASP B 5 24.35 -12.87 -1.62
C ASP B 5 23.77 -12.43 -0.28
N GLY B 6 22.54 -11.93 -0.31
CA GLY B 6 21.90 -11.37 0.86
C GLY B 6 22.09 -9.88 1.01
N LYS B 7 23.00 -9.29 0.25
CA LYS B 7 23.23 -7.85 0.30
C LYS B 7 22.45 -7.16 -0.83
N GLN B 8 23.00 -7.10 -2.04
CA GLN B 8 22.30 -6.43 -3.14
C GLN B 8 21.21 -7.30 -3.77
N TYR B 9 21.22 -8.60 -3.51
CA TYR B 9 20.30 -9.54 -4.13
C TYR B 9 20.21 -10.77 -3.23
N THR B 10 19.20 -11.58 -3.50
CA THR B 10 19.07 -12.90 -2.91
C THR B 10 18.89 -13.91 -4.03
N THR B 11 19.00 -15.19 -3.69
CA THR B 11 18.98 -16.28 -4.66
C THR B 11 17.76 -17.15 -4.42
N LEU B 12 16.95 -17.32 -5.48
CA LEU B 12 15.77 -18.18 -5.38
C LEU B 12 16.17 -19.63 -5.13
N GLU B 13 15.55 -20.24 -4.12
N GLU B 13 15.55 -20.24 -4.12
CA GLU B 13 15.85 -21.64 -3.82
CA GLU B 13 15.86 -21.64 -3.83
C GLU B 13 15.38 -22.54 -4.96
C GLU B 13 15.38 -22.54 -4.96
N LYS B 14 14.26 -22.21 -5.59
CA LYS B 14 13.71 -22.97 -6.70
C LYS B 14 13.69 -22.07 -7.93
N PRO B 15 14.77 -22.04 -8.72
CA PRO B 15 14.81 -21.15 -9.87
C PRO B 15 13.77 -21.55 -10.92
N VAL B 16 13.39 -20.57 -11.73
CA VAL B 16 12.32 -20.72 -12.71
C VAL B 16 12.96 -20.88 -14.08
N ALA B 17 12.75 -22.04 -14.71
CA ALA B 17 13.22 -22.25 -16.06
C ALA B 17 12.33 -21.50 -17.07
N GLY B 18 12.96 -20.88 -18.05
CA GLY B 18 12.22 -20.14 -19.06
C GLY B 18 11.74 -18.76 -18.64
N ALA B 19 12.24 -18.23 -17.52
CA ALA B 19 11.79 -16.92 -17.06
C ALA B 19 12.45 -15.82 -17.91
N PRO B 20 11.80 -14.66 -18.00
CA PRO B 20 12.41 -13.53 -18.73
C PRO B 20 13.75 -13.14 -18.14
N GLN B 21 14.60 -12.56 -18.99
CA GLN B 21 15.93 -12.14 -18.56
C GLN B 21 15.85 -11.18 -17.39
N VAL B 22 15.03 -10.14 -17.51
CA VAL B 22 14.82 -9.17 -16.44
C VAL B 22 13.32 -8.96 -16.30
N LEU B 23 12.77 -9.35 -15.14
CA LEU B 23 11.34 -9.38 -14.92
C LEU B 23 10.99 -8.49 -13.73
N GLU B 24 10.21 -7.45 -14.00
CA GLU B 24 9.77 -6.49 -12.99
C GLU B 24 8.30 -6.70 -12.70
N PHE B 25 7.92 -6.64 -11.42
CA PHE B 25 6.52 -6.68 -11.00
C PHE B 25 6.15 -5.36 -10.34
N PHE B 26 4.92 -4.89 -10.57
CA PHE B 26 4.45 -3.67 -9.96
C PHE B 26 2.93 -3.72 -9.81
N SER B 27 2.38 -2.74 -9.09
CA SER B 27 0.95 -2.52 -9.07
C SER B 27 0.68 -1.03 -9.18
N PHE B 28 -0.41 -0.66 -9.87
CA PHE B 28 -0.78 0.74 -9.89
C PHE B 28 -1.30 1.22 -8.53
N PHE B 29 -1.61 0.31 -7.60
CA PHE B 29 -1.97 0.68 -6.23
C PHE B 29 -0.77 0.86 -5.32
N CYS B 30 0.43 0.55 -5.80
CA CYS B 30 1.59 0.40 -4.95
C CYS B 30 2.35 1.71 -4.88
N PRO B 31 2.36 2.40 -3.71
CA PRO B 31 3.03 3.72 -3.65
C PRO B 31 4.53 3.67 -3.92
N HIS B 32 5.23 2.67 -3.38
CA HIS B 32 6.66 2.57 -3.64
C HIS B 32 6.95 2.22 -5.09
N CYS B 33 6.01 1.57 -5.79
CA CYS B 33 6.18 1.33 -7.22
C CYS B 33 6.07 2.64 -8.00
N TYR B 34 5.13 3.49 -7.62
CA TYR B 34 5.05 4.83 -8.20
C TYR B 34 6.36 5.58 -7.98
N GLN B 35 6.91 5.48 -6.77
CA GLN B 35 8.18 6.13 -6.46
C GLN B 35 9.30 5.58 -7.34
N PHE B 36 9.39 4.25 -7.42
CA PHE B 36 10.41 3.62 -8.26
C PHE B 36 10.31 4.10 -9.70
N GLU B 37 9.10 4.05 -10.29
CA GLU B 37 9.00 4.26 -11.73
C GLU B 37 9.09 5.74 -12.10
N GLU B 38 8.42 6.60 -11.33
CA GLU B 38 8.24 7.98 -11.76
C GLU B 38 9.08 8.99 -10.98
N VAL B 39 9.67 8.62 -9.84
CA VAL B 39 10.51 9.54 -9.07
C VAL B 39 11.97 9.13 -9.15
N LEU B 40 12.30 7.90 -8.74
CA LEU B 40 13.67 7.43 -8.84
C LEU B 40 14.05 7.05 -10.27
N HIS B 41 13.05 6.69 -11.09
CA HIS B 41 13.27 6.20 -12.46
C HIS B 41 14.15 4.95 -12.46
N ILE B 42 13.81 3.98 -11.58
CA ILE B 42 14.63 2.78 -11.47
C ILE B 42 14.72 2.07 -12.81
N SER B 43 13.58 1.83 -13.46
CA SER B 43 13.60 1.03 -14.69
C SER B 43 14.38 1.75 -15.79
N ASP B 44 14.30 3.08 -15.86
CA ASP B 44 15.06 3.83 -16.88
C ASP B 44 16.55 3.62 -16.68
N ASN B 45 17.00 3.66 -15.42
CA ASN B 45 18.41 3.53 -15.13
C ASN B 45 18.89 2.10 -15.29
N VAL B 46 18.02 1.12 -14.99
CA VAL B 46 18.35 -0.27 -15.28
C VAL B 46 18.51 -0.48 -16.78
N LYS B 47 17.51 -0.03 -17.56
CA LYS B 47 17.55 -0.23 -19.02
C LYS B 47 18.80 0.39 -19.63
N LYS B 48 19.20 1.57 -19.15
N LYS B 48 19.20 1.58 -19.15
CA LYS B 48 20.36 2.28 -19.68
CA LYS B 48 20.36 2.26 -19.71
C LYS B 48 21.63 1.44 -19.58
C LYS B 48 21.63 1.43 -19.59
N LYS B 49 21.73 0.57 -18.58
CA LYS B 49 22.94 -0.20 -18.33
C LYS B 49 22.86 -1.66 -18.73
N LEU B 50 21.74 -2.09 -19.32
CA LEU B 50 21.57 -3.51 -19.64
C LEU B 50 22.43 -3.93 -20.82
N PRO B 51 23.03 -5.12 -20.78
CA PRO B 51 23.82 -5.60 -21.91
C PRO B 51 22.96 -5.77 -23.15
N GLU B 52 23.63 -5.79 -24.30
CA GLU B 52 22.94 -5.96 -25.57
C GLU B 52 22.23 -7.31 -25.61
N GLY B 53 20.99 -7.30 -26.09
CA GLY B 53 20.19 -8.50 -26.18
C GLY B 53 19.39 -8.83 -24.94
N VAL B 54 19.46 -8.02 -23.89
CA VAL B 54 18.69 -8.22 -22.67
C VAL B 54 17.58 -7.19 -22.65
N LYS B 55 16.34 -7.66 -22.65
CA LYS B 55 15.15 -6.80 -22.67
C LYS B 55 14.41 -6.91 -21.34
N MET B 56 13.67 -5.86 -21.01
CA MET B 56 12.99 -5.76 -19.72
C MET B 56 11.51 -6.09 -19.90
N THR B 57 11.02 -6.99 -19.05
CA THR B 57 9.62 -7.36 -19.02
C THR B 57 9.01 -6.81 -17.74
N LYS B 58 7.82 -6.24 -17.84
CA LYS B 58 7.14 -5.71 -16.65
C LYS B 58 5.71 -6.22 -16.60
N TYR B 59 5.36 -6.82 -15.47
CA TYR B 59 4.04 -7.39 -15.23
C TYR B 59 3.36 -6.73 -14.04
N HIS B 60 2.05 -6.68 -14.09
CA HIS B 60 1.21 -6.16 -13.02
C HIS B 60 0.74 -7.31 -12.13
N VAL B 61 0.47 -6.99 -10.85
CA VAL B 61 0.05 -8.01 -9.89
C VAL B 61 -1.35 -7.70 -9.37
N ASN B 62 -2.01 -8.76 -8.91
CA ASN B 62 -3.42 -8.70 -8.49
C ASN B 62 -3.61 -8.29 -7.04
N PHE B 63 -2.66 -8.62 -6.17
CA PHE B 63 -2.91 -8.67 -4.73
C PHE B 63 -2.90 -7.31 -4.06
N MET B 64 -2.94 -6.24 -4.84
CA MET B 64 -3.17 -4.91 -4.29
C MET B 64 -4.44 -4.37 -4.90
N GLY B 65 -5.31 -3.78 -4.09
CA GLY B 65 -6.49 -3.11 -4.62
C GLY B 65 -7.71 -3.99 -4.84
N GLY B 66 -7.76 -5.18 -4.27
CA GLY B 66 -8.96 -6.00 -4.38
C GLY B 66 -9.28 -6.35 -5.83
N ASP B 67 -10.58 -6.44 -6.12
CA ASP B 67 -11.02 -6.82 -7.46
C ASP B 67 -10.61 -5.79 -8.50
N LEU B 68 -10.57 -4.52 -8.13
CA LEU B 68 -10.09 -3.51 -9.05
C LEU B 68 -8.63 -3.77 -9.41
N GLY B 69 -7.85 -4.29 -8.48
CA GLY B 69 -6.47 -4.66 -8.79
C GLY B 69 -6.40 -5.69 -9.90
N LYS B 70 -7.33 -6.64 -9.90
CA LYS B 70 -7.41 -7.62 -10.99
C LYS B 70 -7.76 -6.97 -12.32
N ASP B 71 -8.70 -6.01 -12.31
CA ASP B 71 -9.03 -5.28 -13.53
C ASP B 71 -7.82 -4.51 -14.04
N LEU B 72 -6.99 -3.99 -13.13
CA LEU B 72 -5.78 -3.29 -13.53
C LEU B 72 -4.74 -4.24 -14.13
N THR B 73 -4.69 -5.49 -13.67
CA THR B 73 -3.81 -6.48 -14.30
C THR B 73 -4.27 -6.77 -15.72
N GLN B 74 -5.57 -6.90 -15.95
CA GLN B 74 -6.08 -7.10 -17.30
C GLN B 74 -5.87 -5.84 -18.15
N ALA B 75 -6.02 -4.66 -17.54
CA ALA B 75 -5.76 -3.45 -18.30
C ALA B 75 -4.30 -3.33 -18.69
N TRP B 76 -3.39 -3.78 -17.80
CA TRP B 76 -1.98 -3.77 -18.17
C TRP B 76 -1.73 -4.75 -19.31
N ALA B 77 -2.42 -5.90 -19.29
CA ALA B 77 -2.37 -6.80 -20.44
C ALA B 77 -2.82 -6.10 -21.72
N VAL B 78 -3.91 -5.32 -21.66
CA VAL B 78 -4.34 -4.57 -22.83
C VAL B 78 -3.26 -3.57 -23.25
N ALA B 79 -2.61 -2.92 -22.28
CA ALA B 79 -1.57 -1.96 -22.61
C ALA B 79 -0.40 -2.63 -23.32
N MET B 80 -0.01 -3.81 -22.86
CA MET B 80 1.05 -4.54 -23.55
C MET B 80 0.61 -4.96 -24.94
N ALA B 81 -0.65 -5.41 -25.07
CA ALA B 81 -1.12 -5.93 -26.34
C ALA B 81 -1.23 -4.83 -27.39
N LEU B 82 -1.62 -3.61 -26.96
CA LEU B 82 -1.73 -2.47 -27.85
C LEU B 82 -0.44 -1.69 -27.98
N GLY B 83 0.55 -2.00 -27.17
CA GLY B 83 1.80 -1.26 -27.17
C GLY B 83 1.64 0.19 -26.72
N VAL B 84 0.85 0.43 -25.69
CA VAL B 84 0.61 1.80 -25.24
C VAL B 84 1.10 2.00 -23.80
N GLU B 85 2.03 1.14 -23.35
CA GLU B 85 2.56 1.27 -22.00
C GLU B 85 3.06 2.67 -21.72
N ASP B 86 3.77 3.28 -22.68
CA ASP B 86 4.35 4.60 -22.44
C ASP B 86 3.35 5.74 -22.68
N LYS B 87 2.08 5.41 -22.87
CA LYS B 87 1.03 6.43 -22.90
C LYS B 87 0.11 6.38 -21.70
N VAL B 88 -0.14 5.19 -21.15
CA VAL B 88 -1.14 5.06 -20.09
C VAL B 88 -0.54 4.88 -18.70
N THR B 89 0.78 4.73 -18.58
CA THR B 89 1.32 4.45 -17.24
C THR B 89 1.10 5.62 -16.29
N VAL B 90 1.33 6.85 -16.75
CA VAL B 90 1.18 8.00 -15.86
C VAL B 90 -0.30 8.24 -15.54
N PRO B 91 -1.23 8.30 -16.50
CA PRO B 91 -2.63 8.48 -16.10
C PRO B 91 -3.17 7.37 -15.21
N LEU B 92 -2.65 6.15 -15.31
CA LEU B 92 -3.11 5.09 -14.41
C LEU B 92 -2.56 5.28 -13.00
N PHE B 93 -1.26 5.58 -12.87
CA PHE B 93 -0.71 5.87 -11.54
C PHE B 93 -1.41 7.08 -10.92
N GLU B 94 -1.52 8.17 -11.70
CA GLU B 94 -2.11 9.39 -11.16
C GLU B 94 -3.59 9.19 -10.85
N GLY B 95 -4.29 8.45 -11.70
CA GLY B 95 -5.72 8.25 -11.48
C GLY B 95 -6.02 7.44 -10.22
N VAL B 96 -5.20 6.41 -9.94
CA VAL B 96 -5.41 5.60 -8.74
C VAL B 96 -4.93 6.33 -7.48
N GLN B 97 -3.71 6.86 -7.53
CA GLN B 97 -3.05 7.32 -6.32
C GLN B 97 -3.05 8.83 -6.11
N LYS B 98 -3.16 9.66 -7.16
CA LYS B 98 -3.02 11.10 -7.03
C LYS B 98 -4.37 11.81 -7.07
N THR B 99 -5.08 11.72 -8.18
CA THR B 99 -6.34 12.43 -8.34
C THR B 99 -7.55 11.63 -7.87
N GLN B 100 -7.39 10.34 -7.62
CA GLN B 100 -8.48 9.46 -7.20
C GLN B 100 -9.66 9.54 -8.16
N THR B 101 -9.35 9.50 -9.46
CA THR B 101 -10.37 9.44 -10.50
C THR B 101 -10.50 8.04 -11.09
N ILE B 102 -9.66 7.09 -10.69
CA ILE B 102 -9.81 5.71 -11.10
C ILE B 102 -10.39 4.93 -9.92
N ARG B 103 -11.66 4.57 -10.04
CA ARG B 103 -12.40 3.93 -8.96
C ARG B 103 -13.03 2.61 -9.36
N SER B 104 -13.06 2.30 -10.66
CA SER B 104 -13.66 1.07 -11.16
C SER B 104 -13.09 0.81 -12.55
N ALA B 105 -13.45 -0.35 -13.12
CA ALA B 105 -12.94 -0.72 -14.44
C ALA B 105 -13.33 0.30 -15.50
N SER B 106 -14.49 0.95 -15.36
CA SER B 106 -14.93 1.91 -16.36
C SER B 106 -13.99 3.11 -16.41
N ASP B 107 -13.49 3.55 -15.26
CA ASP B 107 -12.52 4.65 -15.25
C ASP B 107 -11.21 4.26 -15.91
N ILE B 108 -10.84 2.99 -15.82
CA ILE B 108 -9.63 2.53 -16.51
C ILE B 108 -9.82 2.63 -18.02
N ARG B 109 -10.94 2.13 -18.51
CA ARG B 109 -11.28 2.25 -19.93
C ARG B 109 -11.19 3.71 -20.39
N ASP B 110 -11.70 4.63 -19.56
CA ASP B 110 -11.66 6.05 -19.92
C ASP B 110 -10.24 6.54 -20.13
N VAL B 111 -9.29 6.04 -19.33
CA VAL B 111 -7.90 6.47 -19.49
C VAL B 111 -7.39 6.10 -20.88
N PHE B 112 -7.68 4.88 -21.33
CA PHE B 112 -7.22 4.46 -22.66
C PHE B 112 -7.90 5.28 -23.76
N ILE B 113 -9.20 5.53 -23.63
CA ILE B 113 -9.90 6.34 -24.62
C ILE B 113 -9.37 7.77 -24.63
N ASN B 114 -9.06 8.31 -23.44
CA ASN B 114 -8.52 9.66 -23.36
C ASN B 114 -7.12 9.76 -23.98
N ALA B 115 -6.37 8.65 -23.98
CA ALA B 115 -5.08 8.63 -24.66
C ALA B 115 -5.18 8.33 -26.15
N GLY B 116 -6.38 8.24 -26.72
CA GLY B 116 -6.52 8.12 -28.16
C GLY B 116 -6.86 6.74 -28.68
N ILE B 117 -7.00 5.75 -27.81
CA ILE B 117 -7.43 4.42 -28.22
C ILE B 117 -8.94 4.46 -28.40
N LYS B 118 -9.42 3.91 -29.51
CA LYS B 118 -10.87 3.85 -29.72
C LYS B 118 -11.50 2.88 -28.72
N GLY B 119 -12.66 3.26 -28.21
CA GLY B 119 -13.33 2.42 -27.22
C GLY B 119 -13.61 1.02 -27.73
N GLU B 120 -14.04 0.92 -28.99
CA GLU B 120 -14.28 -0.38 -29.61
C GLU B 120 -13.02 -1.22 -29.67
N GLU B 121 -11.86 -0.58 -29.86
CA GLU B 121 -10.60 -1.30 -29.92
C GLU B 121 -10.14 -1.72 -28.53
N TYR B 122 -10.30 -0.85 -27.52
CA TYR B 122 -10.02 -1.25 -26.15
C TYR B 122 -10.83 -2.47 -25.77
N ASP B 123 -12.13 -2.45 -26.11
CA ASP B 123 -12.99 -3.55 -25.72
C ASP B 123 -12.61 -4.83 -26.44
N ALA B 124 -12.32 -4.74 -27.75
CA ALA B 124 -11.90 -5.92 -28.48
C ALA B 124 -10.61 -6.50 -27.90
N ALA B 125 -9.67 -5.64 -27.51
CA ALA B 125 -8.45 -6.13 -26.88
C ALA B 125 -8.75 -6.73 -25.51
N TRP B 126 -9.60 -6.08 -24.73
CA TRP B 126 -9.93 -6.55 -23.40
C TRP B 126 -10.46 -7.98 -23.43
N ASN B 127 -11.24 -8.32 -24.46
CA ASN B 127 -11.87 -9.63 -24.58
C ASN B 127 -11.09 -10.61 -25.46
N SER B 128 -9.86 -10.28 -25.82
CA SER B 128 -9.14 -11.08 -26.80
C SER B 128 -8.44 -12.26 -26.11
N PHE B 129 -8.15 -13.29 -26.91
CA PHE B 129 -7.35 -14.41 -26.41
C PHE B 129 -5.95 -13.96 -26.03
N VAL B 130 -5.39 -13.01 -26.80
CA VAL B 130 -4.06 -12.49 -26.51
C VAL B 130 -4.02 -11.91 -25.10
N VAL B 131 -5.03 -11.12 -24.73
CA VAL B 131 -5.03 -10.50 -23.40
C VAL B 131 -5.34 -11.54 -22.32
N LYS B 132 -6.30 -12.43 -22.59
CA LYS B 132 -6.54 -13.54 -21.66
C LYS B 132 -5.26 -14.31 -21.39
N SER B 133 -4.49 -14.59 -22.44
CA SER B 133 -3.21 -15.28 -22.28
C SER B 133 -2.21 -14.42 -21.51
N LEU B 134 -2.19 -13.11 -21.77
CA LEU B 134 -1.27 -12.22 -21.07
C LEU B 134 -1.61 -12.15 -19.58
N VAL B 135 -2.90 -12.18 -19.23
CA VAL B 135 -3.28 -12.21 -17.82
C VAL B 135 -2.74 -13.48 -17.16
N ALA B 136 -2.96 -14.63 -17.81
CA ALA B 136 -2.47 -15.90 -17.27
C ALA B 136 -0.96 -15.87 -17.11
N GLN B 137 -0.25 -15.32 -18.10
CA GLN B 137 1.21 -15.27 -18.04
C GLN B 137 1.68 -14.44 -16.85
N GLN B 138 1.07 -13.27 -16.63
CA GLN B 138 1.43 -12.43 -15.49
C GLN B 138 1.19 -13.15 -14.17
N GLU B 139 0.06 -13.86 -14.05
CA GLU B 139 -0.25 -14.57 -12.82
C GLU B 139 0.72 -15.72 -12.58
N LYS B 140 1.06 -16.46 -13.64
CA LYS B 140 1.97 -17.60 -13.49
C LYS B 140 3.38 -17.14 -13.13
N ALA B 141 3.83 -16.02 -13.71
CA ALA B 141 5.16 -15.51 -13.38
C ALA B 141 5.26 -15.18 -11.90
N ALA B 142 4.23 -14.52 -11.36
CA ALA B 142 4.19 -14.21 -9.93
C ALA B 142 4.22 -15.48 -9.09
N ALA B 143 3.40 -16.47 -9.46
CA ALA B 143 3.38 -17.74 -8.73
C ALA B 143 4.74 -18.43 -8.78
N ASP B 144 5.40 -18.40 -9.93
CA ASP B 144 6.66 -19.13 -10.09
C ASP B 144 7.75 -18.60 -9.16
N VAL B 145 7.72 -17.31 -8.82
CA VAL B 145 8.69 -16.73 -7.90
C VAL B 145 8.12 -16.58 -6.49
N GLN B 146 6.94 -17.16 -6.23
CA GLN B 146 6.25 -17.05 -4.94
C GLN B 146 6.21 -15.58 -4.48
N LEU B 147 5.78 -14.72 -5.40
CA LEU B 147 5.82 -13.29 -5.15
C LEU B 147 4.90 -12.91 -3.99
N ARG B 148 5.46 -12.21 -3.01
CA ARG B 148 4.67 -11.74 -1.88
C ARG B 148 4.47 -10.23 -1.85
N GLY B 149 5.19 -9.47 -2.66
CA GLY B 149 5.06 -8.03 -2.60
C GLY B 149 5.69 -7.35 -3.79
N VAL B 150 5.31 -6.10 -4.00
CA VAL B 150 5.89 -5.26 -5.05
C VAL B 150 6.36 -3.95 -4.42
N PRO B 151 7.32 -3.26 -5.06
CA PRO B 151 8.04 -3.63 -6.29
C PRO B 151 8.96 -4.82 -6.08
N ALA B 152 9.25 -5.49 -7.19
CA ALA B 152 10.17 -6.62 -7.17
C ALA B 152 10.77 -6.73 -8.55
N MET B 153 12.01 -7.24 -8.62
CA MET B 153 12.67 -7.47 -9.90
C MET B 153 13.51 -8.73 -9.79
N PHE B 154 13.50 -9.52 -10.87
CA PHE B 154 14.15 -10.82 -10.91
C PHE B 154 15.02 -10.91 -12.15
N VAL B 155 16.17 -11.55 -12.01
CA VAL B 155 17.10 -11.72 -13.13
C VAL B 155 17.19 -13.21 -13.45
N ASN B 156 16.78 -13.56 -14.67
CA ASN B 156 16.94 -14.92 -15.22
C ASN B 156 16.30 -15.98 -14.33
N GLY B 157 15.21 -15.62 -13.65
CA GLY B 157 14.50 -16.56 -12.81
C GLY B 157 15.32 -17.09 -11.64
N LYS B 158 16.47 -16.48 -11.39
CA LYS B 158 17.42 -17.01 -10.41
C LYS B 158 17.68 -16.07 -9.24
N TYR B 159 17.68 -14.77 -9.47
CA TYR B 159 18.10 -13.79 -8.47
C TYR B 159 17.01 -12.76 -8.27
N GLN B 160 16.83 -12.33 -7.04
CA GLN B 160 15.85 -11.32 -6.70
C GLN B 160 16.58 -10.09 -6.17
N LEU B 161 16.27 -8.94 -6.75
CA LEU B 161 16.91 -7.70 -6.32
C LEU B 161 16.53 -7.44 -4.86
N ASN B 162 17.49 -6.94 -4.09
CA ASN B 162 17.31 -6.70 -2.65
C ASN B 162 17.65 -5.25 -2.33
N PRO B 163 16.81 -4.31 -2.73
CA PRO B 163 17.13 -2.90 -2.43
C PRO B 163 17.22 -2.62 -0.95
N GLN B 164 16.53 -3.41 -0.11
CA GLN B 164 16.65 -3.30 1.35
C GLN B 164 18.08 -3.47 1.82
N GLY B 165 18.92 -4.15 1.06
CA GLY B 165 20.30 -4.36 1.44
C GLY B 165 21.27 -3.40 0.81
N MET B 166 20.79 -2.49 -0.02
CA MET B 166 21.63 -1.51 -0.68
C MET B 166 21.78 -0.27 0.20
N ASP B 167 22.62 0.65 -0.26
CA ASP B 167 22.94 1.85 0.52
C ASP B 167 21.89 2.91 0.21
N THR B 168 21.01 3.15 1.17
CA THR B 168 19.89 4.07 1.01
C THR B 168 20.20 5.48 1.51
N SER B 169 21.46 5.75 1.88
CA SER B 169 21.85 7.06 2.37
C SER B 169 21.95 8.09 1.26
N ASN B 170 21.98 7.66 0.00
CA ASN B 170 22.18 8.52 -1.16
C ASN B 170 21.37 7.94 -2.30
N MET B 171 20.33 8.65 -2.73
CA MET B 171 19.44 8.09 -3.74
C MET B 171 20.14 7.98 -5.10
N ASP B 172 20.98 8.95 -5.47
CA ASP B 172 21.66 8.85 -6.75
C ASP B 172 22.56 7.63 -6.79
N VAL B 173 23.28 7.37 -5.69
CA VAL B 173 24.13 6.19 -5.61
C VAL B 173 23.28 4.92 -5.53
N PHE B 174 22.16 4.99 -4.81
CA PHE B 174 21.26 3.84 -4.70
C PHE B 174 20.75 3.42 -6.06
N VAL B 175 20.28 4.39 -6.85
CA VAL B 175 19.70 4.08 -8.16
C VAL B 175 20.72 3.39 -9.04
N GLN B 176 21.97 3.86 -9.07
CA GLN B 176 22.96 3.20 -9.89
C GLN B 176 23.42 1.88 -9.29
N GLN B 177 23.38 1.76 -7.95
CA GLN B 177 23.70 0.46 -7.34
C GLN B 177 22.67 -0.58 -7.74
N TYR B 178 21.39 -0.20 -7.76
CA TYR B 178 20.34 -1.08 -8.23
C TYR B 178 20.57 -1.46 -9.69
N ALA B 179 20.83 -0.45 -10.54
CA ALA B 179 21.07 -0.72 -11.96
C ALA B 179 22.31 -1.59 -12.16
N ASP B 180 23.39 -1.30 -11.42
CA ASP B 180 24.61 -2.07 -11.57
C ASP B 180 24.44 -3.50 -11.06
N THR B 181 23.59 -3.69 -10.06
CA THR B 181 23.31 -5.05 -9.59
C THR B 181 22.59 -5.85 -10.66
N VAL B 182 21.60 -5.25 -11.32
CA VAL B 182 20.92 -5.95 -12.41
C VAL B 182 21.89 -6.33 -13.51
N LYS B 183 22.75 -5.37 -13.91
CA LYS B 183 23.73 -5.65 -14.97
C LYS B 183 24.67 -6.79 -14.58
N TYR B 184 25.18 -6.74 -13.34
CA TYR B 184 26.13 -7.76 -12.88
C TYR B 184 25.46 -9.13 -12.82
N LEU B 185 24.24 -9.18 -12.26
CA LEU B 185 23.50 -10.44 -12.25
C LEU B 185 23.22 -10.92 -13.66
N SER B 186 22.95 -10.00 -14.58
CA SER B 186 22.69 -10.38 -15.95
C SER B 186 23.89 -11.05 -16.58
N GLU B 187 25.09 -10.68 -16.15
CA GLU B 187 26.34 -11.21 -16.66
C GLU B 187 26.79 -12.48 -15.95
N LYS B 188 26.08 -12.92 -14.91
CA LYS B 188 26.42 -14.18 -14.23
C LYS B 188 25.94 -15.38 -15.04
#